data_4D4G
#
_entry.id   4D4G
#
_cell.length_a   68.311
_cell.length_b   81.807
_cell.length_c   89.729
_cell.angle_alpha   90.00
_cell.angle_beta   90.00
_cell.angle_gamma   90.00
#
_symmetry.space_group_name_H-M   'P 21 21 21'
#
loop_
_entity.id
_entity.type
_entity.pdbx_description
1 polymer APNAA1
2 non-polymer 'PHOSPHOAMINOPHOSPHONIC ACID-ADENYLATE ESTER'
3 non-polymer GLYCEROL
4 non-polymer 'MAGNESIUM ION'
5 water water
#
_entity_poly.entity_id   1
_entity_poly.type   'polypeptide(L)'
_entity_poly.pdbx_seq_one_letter_code
;MKHHHHHHPMSDYDIPTTENLYFQGAMFKQSIHQLFETQVERTPEAVAVLSEQGQLTYEELNTKANQLAHYLRTLGVKSE
TLVGVCVDRSLEMVIGLLAILKAGGAYVPLDPTYPRERLTYMVQDAQISVLVTQTQWSNLISDYQGQVICLDSQWAKIAS
YSQENLVNTVNPENLAYVIYTSGSTGKPKGVMIEHQSLVNFTKLAIAQYQITTSDRTLQFVSISFDVAAEEIYVTLCSGA
TLILRTEEMISSIPSFVQKSQDWQITVWSLPTAYWHLLVNELVKSKIALPDSLRLVIIGGERVQPELVRMWFKNVGNFPE
LINVYGPTEGTIAVSLCRLSQLTESQRNRTEIPIGKSLGENISVYVLDETLKTVPPETPGEIYIGGTALARGYLNRPELT
AQKFIQDPFSPSERLYKTGDLGRYLADGNLEYLGRVDHQVKINGFRVELGEIETVLLQHHQVAQAVVIDREDPLGNKRLV
AYLVPHSTEENLTVTLQQFLKNKLPSYMIPATFVVLNELPLSPNGKIDRKALPIPDYDGNERQTPFIAPRNHQEEKLANI
WHQVFGLEKIGVN
;
_entity_poly.pdbx_strand_id   A
#
loop_
_chem_comp.id
_chem_comp.type
_chem_comp.name
_chem_comp.formula
ANP non-polymer 'PHOSPHOAMINOPHOSPHONIC ACID-ADENYLATE ESTER' 'C10 H17 N6 O12 P3'
GOL non-polymer GLYCEROL 'C3 H8 O3'
MG non-polymer 'MAGNESIUM ION' 'Mg 2'
#
# COMPACT_ATOMS: atom_id res chain seq x y z
N PHE A 28 -27.40 -0.20 1.13
CA PHE A 28 -26.35 -0.17 0.05
C PHE A 28 -25.12 -1.03 0.42
N LYS A 29 -25.37 -2.24 0.95
CA LYS A 29 -24.32 -3.12 1.49
C LYS A 29 -23.45 -3.76 0.43
N GLN A 30 -22.14 -3.57 0.50
CA GLN A 30 -21.25 -4.11 -0.55
C GLN A 30 -19.83 -4.53 -0.09
N SER A 31 -19.39 -5.64 -0.66
CA SER A 31 -18.05 -6.18 -0.46
C SER A 31 -17.21 -5.78 -1.69
N ILE A 32 -15.88 -5.76 -1.55
CA ILE A 32 -15.04 -5.36 -2.66
C ILE A 32 -15.16 -6.34 -3.83
N HIS A 33 -15.28 -7.62 -3.54
CA HIS A 33 -15.39 -8.62 -4.60
C HIS A 33 -16.78 -8.60 -5.28
N GLN A 34 -17.83 -8.18 -4.57
CA GLN A 34 -19.16 -7.93 -5.19
C GLN A 34 -19.05 -6.82 -6.26
N LEU A 35 -18.30 -5.79 -5.92
CA LEU A 35 -18.06 -4.68 -6.79
C LEU A 35 -17.38 -5.21 -8.07
N PHE A 36 -16.33 -6.01 -7.91
CA PHE A 36 -15.69 -6.66 -9.06
C PHE A 36 -16.67 -7.57 -9.81
N GLU A 37 -17.46 -8.34 -9.07
CA GLU A 37 -18.42 -9.29 -9.69
C GLU A 37 -19.41 -8.55 -10.59
N THR A 38 -19.93 -7.43 -10.11
CA THR A 38 -20.77 -6.54 -10.95
C THR A 38 -20.06 -6.17 -12.25
N GLN A 39 -18.79 -5.84 -12.17
CA GLN A 39 -18.08 -5.47 -13.35
C GLN A 39 -17.91 -6.66 -14.30
N VAL A 40 -17.64 -7.84 -13.74
CA VAL A 40 -17.54 -9.04 -14.54
C VAL A 40 -18.82 -9.23 -15.39
N GLU A 41 -19.98 -9.03 -14.78
CA GLU A 41 -21.28 -9.13 -15.48
C GLU A 41 -21.34 -8.15 -16.62
N ARG A 42 -20.92 -6.91 -16.36
CA ARG A 42 -20.98 -5.86 -17.36
C ARG A 42 -20.08 -6.21 -18.55
N THR A 43 -18.83 -6.59 -18.30
CA THR A 43 -17.85 -6.78 -19.37
C THR A 43 -17.04 -8.07 -19.20
N PRO A 44 -17.70 -9.22 -19.34
CA PRO A 44 -17.04 -10.51 -19.07
C PRO A 44 -15.82 -10.76 -19.95
N GLU A 45 -15.82 -10.17 -21.15
CA GLU A 45 -14.80 -10.49 -22.15
C GLU A 45 -13.70 -9.46 -22.30
N ALA A 46 -13.83 -8.31 -21.66
CA ALA A 46 -12.71 -7.39 -21.54
C ALA A 46 -11.50 -8.05 -20.86
N VAL A 47 -10.29 -7.62 -21.21
CA VAL A 47 -9.08 -8.05 -20.54
C VAL A 47 -9.03 -7.41 -19.14
N ALA A 48 -8.78 -8.22 -18.12
CA ALA A 48 -8.77 -7.78 -16.72
C ALA A 48 -7.37 -7.62 -16.25
N VAL A 49 -6.54 -8.62 -16.51
CA VAL A 49 -5.16 -8.62 -16.07
C VAL A 49 -4.28 -9.07 -17.20
N LEU A 50 -3.13 -8.44 -17.29
CA LEU A 50 -2.18 -8.72 -18.33
C LEU A 50 -0.81 -8.67 -17.68
N SER A 51 0.01 -9.65 -18.02
CA SER A 51 1.41 -9.67 -17.65
C SER A 51 2.21 -10.08 -18.85
N GLU A 52 3.53 -10.02 -18.70
CA GLU A 52 4.44 -10.44 -19.74
C GLU A 52 4.24 -11.93 -20.08
N GLN A 53 3.66 -12.70 -19.15
CA GLN A 53 3.51 -14.14 -19.29
C GLN A 53 2.10 -14.58 -19.68
N GLY A 54 1.15 -13.66 -19.82
CA GLY A 54 -0.21 -14.06 -20.23
C GLY A 54 -1.27 -13.11 -19.71
N GLN A 55 -2.53 -13.49 -19.89
CA GLN A 55 -3.61 -12.60 -19.57
C GLN A 55 -4.86 -13.33 -19.16
N LEU A 56 -5.77 -12.60 -18.50
CA LEU A 56 -7.07 -13.13 -18.14
C LEU A 56 -8.12 -12.10 -18.48
N THR A 57 -9.24 -12.56 -19.04
CA THR A 57 -10.42 -11.73 -19.19
C THR A 57 -11.06 -11.61 -17.82
N TYR A 58 -12.06 -10.74 -17.69
CA TYR A 58 -12.84 -10.60 -16.47
C TYR A 58 -13.52 -11.90 -16.08
N GLU A 59 -14.15 -12.52 -17.08
CA GLU A 59 -14.78 -13.81 -16.87
CA GLU A 59 -14.73 -13.88 -17.00
C GLU A 59 -13.77 -14.87 -16.37
N GLU A 60 -12.62 -14.97 -17.01
CA GLU A 60 -11.65 -15.97 -16.63
C GLU A 60 -11.11 -15.70 -15.23
N LEU A 61 -10.88 -14.43 -14.91
CA LEU A 61 -10.32 -14.07 -13.62
C LEU A 61 -11.32 -14.47 -12.54
N ASN A 62 -12.57 -14.16 -12.82
CA ASN A 62 -13.63 -14.38 -11.88
C ASN A 62 -13.86 -15.85 -11.59
N THR A 63 -13.93 -16.65 -12.65
CA THR A 63 -14.22 -18.07 -12.51
C THR A 63 -13.05 -18.77 -11.82
N LYS A 64 -11.82 -18.41 -12.18
CA LYS A 64 -10.67 -18.97 -11.51
C LYS A 64 -10.60 -18.59 -10.02
N ALA A 65 -10.89 -17.34 -9.69
CA ALA A 65 -10.92 -16.94 -8.28
C ALA A 65 -12.07 -17.66 -7.55
N ASN A 66 -13.19 -17.86 -8.25
CA ASN A 66 -14.29 -18.62 -7.68
C ASN A 66 -13.88 -20.05 -7.33
N GLN A 67 -13.07 -20.65 -8.20
CA GLN A 67 -12.63 -22.03 -8.00
C GLN A 67 -11.74 -22.11 -6.78
N LEU A 68 -10.78 -21.21 -6.71
CA LEU A 68 -9.94 -21.16 -5.53
C LEU A 68 -10.75 -20.82 -4.30
N ALA A 69 -11.66 -19.87 -4.40
CA ALA A 69 -12.50 -19.52 -3.24
C ALA A 69 -13.27 -20.71 -2.70
N HIS A 70 -13.89 -21.48 -3.59
CA HIS A 70 -14.67 -22.66 -3.17
C HIS A 70 -13.75 -23.64 -2.44
N TYR A 71 -12.55 -23.87 -2.98
CA TYR A 71 -11.58 -24.70 -2.31
C TYR A 71 -11.25 -24.15 -0.91
N LEU A 72 -10.95 -22.86 -0.81
CA LEU A 72 -10.64 -22.25 0.48
C LEU A 72 -11.74 -22.42 1.53
N ARG A 73 -12.98 -22.35 1.09
CA ARG A 73 -14.12 -22.65 1.95
C ARG A 73 -14.02 -24.06 2.55
N THR A 74 -13.63 -25.06 1.75
CA THR A 74 -13.51 -26.44 2.27
C THR A 74 -12.31 -26.55 3.20
N LEU A 75 -11.39 -25.60 3.12
CA LEU A 75 -10.30 -25.53 4.11
C LEU A 75 -10.63 -24.74 5.36
N GLY A 76 -11.88 -24.30 5.57
CA GLY A 76 -12.24 -23.60 6.83
C GLY A 76 -12.23 -22.06 6.69
N VAL A 77 -11.84 -21.55 5.52
CA VAL A 77 -11.87 -20.10 5.35
C VAL A 77 -13.30 -19.55 5.31
N LYS A 78 -13.60 -18.63 6.23
CA LYS A 78 -14.89 -17.96 6.32
C LYS A 78 -14.64 -16.53 6.83
N SER A 79 -15.70 -15.76 7.10
CA SER A 79 -15.55 -14.34 7.48
C SER A 79 -14.64 -14.24 8.69
N GLU A 80 -13.74 -13.25 8.68
CA GLU A 80 -12.73 -13.03 9.73
C GLU A 80 -11.59 -14.07 9.76
N THR A 81 -11.57 -15.01 8.82
CA THR A 81 -10.43 -15.92 8.75
C THR A 81 -9.31 -15.20 8.05
N LEU A 82 -8.11 -15.24 8.64
CA LEU A 82 -6.96 -14.58 8.05
C LEU A 82 -6.19 -15.56 7.21
N VAL A 83 -5.94 -15.22 5.95
CA VAL A 83 -5.29 -16.14 5.02
C VAL A 83 -4.01 -15.48 4.56
N GLY A 84 -2.87 -16.10 4.82
CA GLY A 84 -1.59 -15.59 4.37
C GLY A 84 -1.54 -15.67 2.88
N VAL A 85 -0.94 -14.68 2.22
CA VAL A 85 -0.68 -14.73 0.78
C VAL A 85 0.80 -14.41 0.54
N CYS A 86 1.50 -15.38 -0.04
CA CYS A 86 2.94 -15.29 -0.27
C CYS A 86 3.16 -15.72 -1.69
N VAL A 87 3.09 -14.74 -2.56
CA VAL A 87 3.13 -14.97 -3.98
C VAL A 87 4.01 -13.90 -4.59
N ASP A 88 4.42 -14.09 -5.83
CA ASP A 88 5.10 -13.03 -6.54
C ASP A 88 4.05 -12.31 -7.35
N ARG A 89 4.45 -11.22 -7.98
CA ARG A 89 3.52 -10.42 -8.78
C ARG A 89 3.23 -11.18 -10.07
N SER A 90 1.97 -11.53 -10.29
CA SER A 90 1.61 -12.55 -11.27
C SER A 90 0.11 -12.62 -11.35
N LEU A 91 -0.40 -13.26 -12.40
CA LEU A 91 -1.82 -13.50 -12.52
C LEU A 91 -2.31 -14.25 -11.30
N GLU A 92 -1.53 -15.25 -10.90
CA GLU A 92 -1.82 -16.03 -9.72
C GLU A 92 -2.06 -15.15 -8.48
N MET A 93 -1.25 -14.11 -8.30
CA MET A 93 -1.44 -13.22 -7.17
C MET A 93 -2.86 -12.63 -7.14
N VAL A 94 -3.32 -12.18 -8.30
CA VAL A 94 -4.63 -11.51 -8.40
C VAL A 94 -5.77 -12.48 -8.20
N ILE A 95 -5.62 -13.68 -8.74
CA ILE A 95 -6.59 -14.77 -8.47
C ILE A 95 -6.62 -15.08 -6.98
N GLY A 96 -5.46 -15.14 -6.36
CA GLY A 96 -5.39 -15.49 -4.96
C GLY A 96 -6.08 -14.50 -4.08
N LEU A 97 -5.81 -13.20 -4.34
CA LEU A 97 -6.39 -12.14 -3.54
C LEU A 97 -7.89 -12.16 -3.66
N LEU A 98 -8.39 -12.22 -4.89
CA LEU A 98 -9.80 -12.23 -5.09
C LEU A 98 -10.49 -13.47 -4.50
N ALA A 99 -9.86 -14.64 -4.61
CA ALA A 99 -10.37 -15.90 -4.03
C ALA A 99 -10.54 -15.79 -2.55
N ILE A 100 -9.53 -15.28 -1.88
CA ILE A 100 -9.63 -15.12 -0.43
C ILE A 100 -10.81 -14.23 -0.09
N LEU A 101 -10.92 -13.10 -0.80
CA LEU A 101 -12.02 -12.17 -0.55
C LEU A 101 -13.40 -12.84 -0.77
N LYS A 102 -13.55 -13.50 -1.91
CA LYS A 102 -14.82 -14.17 -2.23
C LYS A 102 -15.17 -15.26 -1.21
N ALA A 103 -14.14 -15.92 -0.67
CA ALA A 103 -14.32 -16.97 0.34
C ALA A 103 -14.78 -16.42 1.68
N GLY A 104 -14.73 -15.10 1.83
CA GLY A 104 -15.11 -14.48 3.09
C GLY A 104 -13.93 -14.14 3.95
N GLY A 105 -12.74 -14.56 3.57
CA GLY A 105 -11.55 -14.34 4.38
C GLY A 105 -10.89 -12.99 4.11
N ALA A 106 -9.88 -12.70 4.90
CA ALA A 106 -9.11 -11.49 4.80
C ALA A 106 -7.68 -11.90 4.58
N TYR A 107 -7.02 -11.30 3.59
CA TYR A 107 -5.67 -11.74 3.25
C TYR A 107 -4.64 -10.99 4.06
N VAL A 108 -3.50 -11.63 4.25
CA VAL A 108 -2.37 -11.01 4.95
C VAL A 108 -1.17 -11.17 4.03
N PRO A 109 -0.70 -10.07 3.42
CA PRO A 109 0.41 -10.13 2.50
C PRO A 109 1.67 -10.51 3.22
N LEU A 110 2.35 -11.50 2.68
CA LEU A 110 3.60 -12.04 3.20
C LEU A 110 4.66 -11.89 2.10
N ASP A 111 5.33 -10.76 2.12
CA ASP A 111 6.30 -10.43 1.10
C ASP A 111 7.42 -11.47 1.00
N PRO A 112 7.51 -12.18 -0.13
CA PRO A 112 8.50 -13.27 -0.21
C PRO A 112 9.96 -12.79 -0.20
N THR A 113 10.18 -11.49 -0.25
CA THR A 113 11.52 -10.94 -0.15
C THR A 113 11.88 -10.67 1.29
N TYR A 114 10.93 -10.81 2.22
CA TYR A 114 11.26 -10.61 3.62
C TYR A 114 11.97 -11.83 4.18
N PRO A 115 12.76 -11.62 5.26
CA PRO A 115 13.42 -12.76 5.87
C PRO A 115 12.44 -13.69 6.58
N ARG A 116 12.77 -14.97 6.52
CA ARG A 116 12.03 -16.05 7.20
C ARG A 116 11.51 -15.69 8.60
N GLU A 117 12.38 -15.15 9.43
CA GLU A 117 11.96 -14.81 10.78
C GLU A 117 10.81 -13.77 10.83
N ARG A 118 10.80 -12.82 9.90
CA ARG A 118 9.75 -11.82 9.86
C ARG A 118 8.42 -12.42 9.41
N LEU A 119 8.47 -13.24 8.37
CA LEU A 119 7.27 -13.84 7.83
C LEU A 119 6.69 -14.79 8.85
N THR A 120 7.56 -15.45 9.60
CA THR A 120 7.16 -16.39 10.62
C THR A 120 6.50 -15.69 11.77
N TYR A 121 7.04 -14.54 12.16
CA TYR A 121 6.40 -13.77 13.21
C TYR A 121 4.97 -13.40 12.78
N MET A 122 4.86 -12.88 11.55
CA MET A 122 3.58 -12.41 11.04
C MET A 122 2.54 -13.55 10.97
N VAL A 123 2.97 -14.71 10.50
CA VAL A 123 2.11 -15.91 10.48
C VAL A 123 1.63 -16.27 11.90
N GLN A 124 2.53 -16.21 12.87
CA GLN A 124 2.18 -16.54 14.26
C GLN A 124 1.32 -15.48 14.86
N ASP A 125 1.75 -14.23 14.73
CA ASP A 125 0.98 -13.10 15.24
C ASP A 125 -0.45 -13.09 14.72
N ALA A 126 -0.62 -13.38 13.43
CA ALA A 126 -1.92 -13.35 12.81
C ALA A 126 -2.65 -14.68 12.91
N GLN A 127 -1.99 -15.72 13.43
CA GLN A 127 -2.61 -17.03 13.61
C GLN A 127 -3.15 -17.58 12.31
N ILE A 128 -2.41 -17.41 11.25
CA ILE A 128 -2.77 -17.89 9.92
C ILE A 128 -2.67 -19.40 9.86
N SER A 129 -3.76 -20.09 9.54
CA SER A 129 -3.73 -21.55 9.30
C SER A 129 -4.01 -21.95 7.85
N VAL A 130 -4.30 -20.99 6.98
CA VAL A 130 -4.24 -21.22 5.52
C VAL A 130 -3.24 -20.26 4.89
N LEU A 131 -2.38 -20.78 4.03
CA LEU A 131 -1.38 -20.00 3.31
C LEU A 131 -1.53 -20.25 1.82
N VAL A 132 -1.88 -19.20 1.08
CA VAL A 132 -1.88 -19.23 -0.35
C VAL A 132 -0.52 -18.78 -0.86
N THR A 133 0.16 -19.66 -1.59
CA THR A 133 1.51 -19.42 -1.99
C THR A 133 1.81 -20.13 -3.31
N GLN A 134 3.10 -20.29 -3.61
CA GLN A 134 3.61 -20.97 -4.79
C GLN A 134 4.73 -21.90 -4.35
N THR A 135 5.04 -22.91 -5.14
CA THR A 135 6.06 -23.90 -4.74
C THR A 135 7.43 -23.27 -4.48
N GLN A 136 7.81 -22.31 -5.32
CA GLN A 136 9.08 -21.62 -5.11
C GLN A 136 9.22 -20.85 -3.78
N TRP A 137 8.14 -20.65 -3.03
CA TRP A 137 8.18 -19.96 -1.74
C TRP A 137 7.89 -20.95 -0.62
N SER A 138 7.71 -22.22 -0.93
CA SER A 138 7.09 -23.16 0.03
C SER A 138 7.90 -23.37 1.30
N ASN A 139 9.20 -23.11 1.28
CA ASN A 139 9.99 -23.27 2.50
C ASN A 139 10.41 -21.95 3.17
N LEU A 140 9.60 -20.91 3.01
CA LEU A 140 9.86 -19.61 3.64
C LEU A 140 9.28 -19.45 5.05
N ILE A 141 8.32 -20.31 5.42
CA ILE A 141 7.76 -20.23 6.78
C ILE A 141 8.41 -21.30 7.68
N SER A 142 8.98 -20.85 8.82
CA SER A 142 9.57 -21.74 9.84
C SER A 142 8.44 -22.58 10.34
N ASP A 143 8.63 -23.86 10.07
CA ASP A 143 7.54 -24.64 9.50
CA ASP A 143 7.55 -24.68 9.53
C ASP A 143 6.22 -24.67 10.24
N TYR A 144 5.23 -24.77 9.39
CA TYR A 144 3.97 -24.24 9.59
C TYR A 144 3.13 -25.46 9.51
N GLN A 145 2.14 -25.53 10.37
CA GLN A 145 1.31 -26.70 10.47
C GLN A 145 -0.03 -26.44 9.82
N GLY A 146 -0.18 -25.31 9.14
CA GLY A 146 -1.47 -24.99 8.57
C GLY A 146 -1.63 -25.64 7.21
N GLN A 147 -2.72 -25.28 6.54
CA GLN A 147 -2.96 -25.73 5.19
C GLN A 147 -2.15 -24.84 4.26
N VAL A 148 -1.51 -25.45 3.28
CA VAL A 148 -0.81 -24.71 2.23
C VAL A 148 -1.48 -24.99 0.91
N ILE A 149 -1.68 -23.95 0.12
CA ILE A 149 -2.09 -24.09 -1.25
C ILE A 149 -1.01 -23.50 -2.13
N CYS A 150 -0.45 -24.32 -3.02
CA CYS A 150 0.49 -23.88 -4.03
C CYS A 150 -0.22 -23.69 -5.35
N LEU A 151 -0.41 -22.45 -5.77
CA LEU A 151 -1.26 -22.17 -6.93
C LEU A 151 -0.66 -22.60 -8.27
N ASP A 152 0.65 -22.67 -8.33
CA ASP A 152 1.35 -23.11 -9.56
C ASP A 152 1.28 -24.62 -9.78
N SER A 153 1.19 -25.41 -8.71
CA SER A 153 1.27 -26.88 -8.82
C SER A 153 -0.04 -27.57 -8.53
N GLN A 154 -1.01 -26.89 -7.94
CA GLN A 154 -2.26 -27.56 -7.57
C GLN A 154 -3.43 -27.07 -8.38
N TRP A 155 -3.18 -26.56 -9.59
CA TRP A 155 -4.26 -25.93 -10.33
C TRP A 155 -5.28 -26.94 -10.85
N ALA A 156 -4.80 -28.13 -11.24
CA ALA A 156 -5.70 -29.23 -11.60
C ALA A 156 -6.70 -29.48 -10.47
N LYS A 157 -6.22 -29.58 -9.25
CA LYS A 157 -7.15 -29.82 -8.16
C LYS A 157 -8.14 -28.65 -8.04
N ILE A 158 -7.62 -27.43 -8.08
CA ILE A 158 -8.46 -26.25 -7.95
C ILE A 158 -9.47 -26.13 -9.10
N ALA A 159 -9.07 -26.52 -10.31
CA ALA A 159 -9.97 -26.48 -11.47
C ALA A 159 -11.14 -27.43 -11.32
N SER A 160 -11.08 -28.36 -10.39
CA SER A 160 -12.23 -29.21 -10.11
C SER A 160 -13.30 -28.53 -9.26
N TYR A 161 -13.05 -27.33 -8.75
CA TYR A 161 -14.04 -26.70 -7.87
C TYR A 161 -15.02 -25.84 -8.66
N SER A 162 -16.08 -25.39 -8.01
CA SER A 162 -17.10 -24.62 -8.71
C SER A 162 -16.64 -23.25 -9.25
N GLN A 163 -17.11 -22.92 -10.43
CA GLN A 163 -16.83 -21.62 -11.04
C GLN A 163 -17.85 -20.54 -10.69
N GLU A 164 -18.89 -20.88 -9.93
CA GLU A 164 -19.97 -19.96 -9.58
C GLU A 164 -19.57 -18.98 -8.46
N ASN A 165 -20.13 -17.78 -8.50
CA ASN A 165 -19.88 -16.81 -7.46
C ASN A 165 -20.43 -17.40 -6.17
N LEU A 166 -19.79 -17.09 -5.05
CA LEU A 166 -20.23 -17.56 -3.76
C LEU A 166 -21.21 -16.50 -3.25
N VAL A 167 -22.06 -16.83 -2.30
CA VAL A 167 -23.04 -15.88 -1.86
C VAL A 167 -22.99 -15.74 -0.36
N ASN A 168 -23.14 -14.50 0.11
CA ASN A 168 -23.24 -14.17 1.54
C ASN A 168 -22.19 -14.86 2.37
N THR A 169 -20.93 -14.69 1.97
CA THR A 169 -19.82 -15.17 2.79
C THR A 169 -19.36 -14.09 3.75
N VAL A 170 -19.72 -12.84 3.46
CA VAL A 170 -19.13 -11.73 4.20
C VAL A 170 -20.04 -10.52 4.26
N ASN A 171 -19.90 -9.73 5.32
CA ASN A 171 -20.61 -8.45 5.45
C ASN A 171 -19.60 -7.31 5.31
N PRO A 172 -20.08 -6.07 5.11
CA PRO A 172 -19.14 -4.94 4.93
C PRO A 172 -18.23 -4.62 6.10
N GLU A 173 -18.71 -4.92 7.31
CA GLU A 173 -17.90 -4.69 8.47
C GLU A 173 -16.82 -5.78 8.64
N ASN A 174 -16.90 -6.85 7.88
CA ASN A 174 -15.88 -7.89 7.99
C ASN A 174 -14.59 -7.45 7.29
N LEU A 175 -13.48 -8.03 7.74
CA LEU A 175 -12.16 -7.70 7.24
C LEU A 175 -11.95 -8.11 5.81
N ALA A 176 -11.26 -7.25 5.07
CA ALA A 176 -10.84 -7.58 3.71
C ALA A 176 -9.35 -7.94 3.70
N TYR A 177 -8.56 -7.26 4.49
CA TYR A 177 -7.15 -7.60 4.61
C TYR A 177 -6.58 -7.06 5.90
N VAL A 178 -5.48 -7.65 6.31
CA VAL A 178 -4.68 -7.18 7.44
C VAL A 178 -3.28 -7.05 6.86
N ILE A 179 -2.77 -5.82 6.82
CA ILE A 179 -1.50 -5.50 6.20
C ILE A 179 -0.54 -4.96 7.28
N TYR A 180 0.64 -5.57 7.37
CA TYR A 180 1.60 -5.18 8.40
C TYR A 180 2.39 -3.94 8.05
N THR A 181 2.65 -3.15 9.07
CA THR A 181 3.48 -2.01 8.94
C THR A 181 4.47 -1.96 10.12
N SER A 182 5.48 -1.10 9.99
CA SER A 182 6.61 -1.07 10.91
C SER A 182 6.15 -0.67 12.31
N GLY A 183 6.77 -1.26 13.32
CA GLY A 183 6.40 -0.98 14.72
C GLY A 183 7.59 -0.44 15.48
N SER A 184 7.36 0.63 16.25
CA SER A 184 8.46 1.28 16.98
C SER A 184 8.97 0.42 18.14
N THR A 185 8.08 -0.41 18.69
CA THR A 185 8.41 -1.24 19.84
C THR A 185 9.32 -2.43 19.50
N GLY A 186 9.50 -2.72 18.21
CA GLY A 186 10.46 -3.75 17.76
C GLY A 186 9.90 -4.82 16.83
N LYS A 187 8.58 -4.90 16.70
CA LYS A 187 7.90 -5.82 15.78
C LYS A 187 6.86 -5.08 14.94
N PRO A 188 6.67 -5.52 13.70
CA PRO A 188 5.63 -4.85 12.95
C PRO A 188 4.25 -5.21 13.51
N LYS A 189 3.22 -4.51 13.04
CA LYS A 189 1.83 -4.81 13.45
C LYS A 189 0.86 -4.67 12.28
N GLY A 190 -0.22 -5.42 12.35
CA GLY A 190 -1.17 -5.54 11.25
C GLY A 190 -2.26 -4.50 11.38
N VAL A 191 -2.48 -3.75 10.30
CA VAL A 191 -3.59 -2.81 10.22
C VAL A 191 -4.76 -3.56 9.62
N MET A 192 -5.88 -3.53 10.33
CA MET A 192 -7.06 -4.27 9.95
C MET A 192 -8.01 -3.38 9.16
N ILE A 193 -8.22 -3.76 7.90
CA ILE A 193 -9.08 -3.02 6.98
C ILE A 193 -10.34 -3.82 6.65
N GLU A 194 -11.49 -3.26 6.99
CA GLU A 194 -12.79 -3.84 6.62
C GLU A 194 -13.19 -3.50 5.18
N HIS A 195 -14.02 -4.34 4.60
CA HIS A 195 -14.49 -4.14 3.23
C HIS A 195 -15.12 -2.78 3.06
N GLN A 196 -15.91 -2.36 4.05
CA GLN A 196 -16.69 -1.15 3.83
C GLN A 196 -15.80 0.08 3.59
N SER A 197 -14.65 0.14 4.25
CA SER A 197 -13.75 1.27 4.08
C SER A 197 -13.02 1.14 2.76
N LEU A 198 -12.68 -0.08 2.38
CA LEU A 198 -12.00 -0.36 1.10
C LEU A 198 -12.90 -0.10 -0.11
N VAL A 199 -14.18 -0.47 0.03
CA VAL A 199 -15.16 -0.29 -1.03
C VAL A 199 -15.40 1.20 -1.18
N ASN A 200 -15.51 1.89 -0.04
CA ASN A 200 -15.71 3.34 -0.06
C ASN A 200 -14.54 3.98 -0.78
N PHE A 201 -13.33 3.62 -0.39
CA PHE A 201 -12.15 4.17 -1.06
C PHE A 201 -12.14 3.92 -2.57
N THR A 202 -12.40 2.68 -2.96
CA THR A 202 -12.35 2.31 -4.38
C THR A 202 -13.37 3.08 -5.24
N LYS A 203 -14.59 3.23 -4.73
CA LYS A 203 -15.65 3.99 -5.40
C LYS A 203 -15.25 5.44 -5.57
N LEU A 204 -14.83 6.08 -4.47
CA LEU A 204 -14.38 7.46 -4.54
C LEU A 204 -13.22 7.65 -5.50
N ALA A 205 -12.22 6.79 -5.43
CA ALA A 205 -11.07 6.85 -6.33
C ALA A 205 -11.41 6.59 -7.81
N ILE A 206 -12.28 5.64 -8.11
CA ILE A 206 -12.73 5.45 -9.50
C ILE A 206 -13.29 6.77 -10.05
N ALA A 207 -14.09 7.46 -9.24
CA ALA A 207 -14.76 8.69 -9.68
C ALA A 207 -13.77 9.86 -9.70
N GLN A 208 -12.86 9.91 -8.74
CA GLN A 208 -11.85 10.97 -8.70
C GLN A 208 -10.93 10.90 -9.91
N TYR A 209 -10.48 9.69 -10.26
CA TYR A 209 -9.53 9.52 -11.39
C TYR A 209 -10.19 9.35 -12.77
N GLN A 210 -11.51 9.24 -12.80
CA GLN A 210 -12.24 8.99 -14.03
C GLN A 210 -11.79 7.71 -14.69
N ILE A 211 -11.63 6.65 -13.91
CA ILE A 211 -11.13 5.42 -14.50
C ILE A 211 -12.24 4.88 -15.39
N THR A 212 -11.91 4.54 -16.65
CA THR A 212 -12.91 3.90 -17.56
C THR A 212 -12.41 2.57 -18.07
N THR A 213 -13.27 1.89 -18.81
CA THR A 213 -12.95 0.60 -19.40
C THR A 213 -11.81 0.68 -20.41
N SER A 214 -11.50 1.88 -20.89
CA SER A 214 -10.36 2.06 -21.80
C SER A 214 -9.03 2.25 -21.07
N ASP A 215 -9.04 2.33 -19.74
CA ASP A 215 -7.75 2.58 -19.04
C ASP A 215 -6.92 1.32 -18.86
N ARG A 216 -5.61 1.51 -18.79
CA ARG A 216 -4.68 0.43 -18.58
C ARG A 216 -3.70 0.88 -17.49
N THR A 217 -3.80 0.28 -16.31
CA THR A 217 -3.15 0.77 -15.11
C THR A 217 -2.01 -0.17 -14.83
N LEU A 218 -0.84 0.39 -14.50
CA LEU A 218 0.35 -0.39 -14.26
C LEU A 218 0.33 -0.74 -12.80
N GLN A 219 0.33 -2.03 -12.48
CA GLN A 219 0.42 -2.45 -11.09
C GLN A 219 1.90 -2.45 -10.70
N PHE A 220 2.25 -1.58 -9.76
CA PHE A 220 3.65 -1.23 -9.53
C PHE A 220 4.15 -1.72 -8.18
N VAL A 221 3.43 -1.34 -7.13
CA VAL A 221 3.91 -1.60 -5.79
C VAL A 221 3.49 -3.00 -5.34
N SER A 222 4.40 -3.61 -4.58
CA SER A 222 4.18 -4.84 -3.85
C SER A 222 2.94 -4.78 -2.95
N ILE A 223 2.22 -5.88 -2.86
CA ILE A 223 1.00 -5.96 -2.03
C ILE A 223 1.28 -5.88 -0.56
N SER A 224 2.57 -5.91 -0.18
CA SER A 224 2.96 -5.53 1.17
C SER A 224 2.57 -4.08 1.51
N PHE A 225 2.31 -3.24 0.51
CA PHE A 225 1.93 -1.86 0.77
C PHE A 225 0.57 -1.57 0.18
N ASP A 226 -0.23 -0.81 0.91
CA ASP A 226 -1.64 -0.77 0.57
C ASP A 226 -2.01 0.00 -0.71
N VAL A 227 -1.04 0.66 -1.32
CA VAL A 227 -1.23 1.33 -2.61
C VAL A 227 -1.47 0.29 -3.71
N ALA A 228 -0.90 -0.90 -3.57
CA ALA A 228 -1.25 -2.00 -4.47
C ALA A 228 -2.77 -2.27 -4.53
N ALA A 229 -3.46 -2.24 -3.38
CA ALA A 229 -4.93 -2.36 -3.36
C ALA A 229 -5.63 -1.29 -4.22
N GLU A 230 -5.10 -0.07 -4.19
CA GLU A 230 -5.67 1.03 -4.97
C GLU A 230 -5.51 0.68 -6.44
N GLU A 231 -4.30 0.28 -6.82
CA GLU A 231 -3.99 -0.06 -8.22
C GLU A 231 -4.87 -1.20 -8.73
N ILE A 232 -4.94 -2.26 -7.95
CA ILE A 232 -5.66 -3.43 -8.33
C ILE A 232 -7.16 -3.16 -8.34
N TYR A 233 -7.74 -2.70 -7.23
CA TYR A 233 -9.21 -2.67 -7.13
C TYR A 233 -9.89 -1.49 -7.83
N VAL A 234 -9.21 -0.35 -7.92
CA VAL A 234 -9.70 0.78 -8.73
C VAL A 234 -9.83 0.33 -10.19
N THR A 235 -8.82 -0.41 -10.64
CA THR A 235 -8.78 -0.87 -12.01
C THR A 235 -9.84 -1.95 -12.28
N LEU A 236 -9.84 -2.99 -11.47
CA LEU A 236 -10.74 -4.11 -11.68
C LEU A 236 -12.20 -3.79 -11.40
N CYS A 237 -12.48 -2.84 -10.51
CA CYS A 237 -13.86 -2.53 -10.18
C CYS A 237 -14.47 -1.54 -11.18
N SER A 238 -13.69 -1.08 -12.13
CA SER A 238 -14.19 -0.15 -13.17
C SER A 238 -14.07 -0.70 -14.60
N GLY A 239 -13.53 -1.90 -14.78
CA GLY A 239 -13.46 -2.51 -16.12
C GLY A 239 -12.20 -2.20 -16.91
N ALA A 240 -11.30 -1.43 -16.32
CA ALA A 240 -10.02 -1.14 -16.95
C ALA A 240 -9.17 -2.43 -16.96
N THR A 241 -7.99 -2.34 -17.56
CA THR A 241 -7.08 -3.48 -17.62
C THR A 241 -5.93 -3.19 -16.71
N LEU A 242 -5.62 -4.17 -15.87
CA LEU A 242 -4.53 -4.11 -14.91
C LEU A 242 -3.30 -4.77 -15.51
N ILE A 243 -2.20 -4.02 -15.57
CA ILE A 243 -1.00 -4.51 -16.22
C ILE A 243 0.04 -4.67 -15.15
N LEU A 244 0.49 -5.91 -14.98
CA LEU A 244 1.43 -6.25 -13.93
C LEU A 244 2.85 -5.94 -14.38
N ARG A 245 3.58 -5.14 -13.63
CA ARG A 245 4.96 -4.87 -14.00
C ARG A 245 5.89 -6.07 -13.74
N THR A 246 7.04 -6.01 -14.40
CA THR A 246 8.19 -6.86 -14.16
C THR A 246 9.14 -6.17 -13.17
N GLU A 247 10.10 -6.94 -12.64
CA GLU A 247 11.16 -6.42 -11.78
C GLU A 247 12.20 -5.66 -12.59
N GLU A 248 12.50 -6.17 -13.78
CA GLU A 248 13.54 -5.57 -14.63
C GLU A 248 13.15 -4.16 -15.16
N MET A 249 11.86 -3.89 -15.29
CA MET A 249 11.45 -2.65 -15.95
C MET A 249 11.59 -1.40 -15.10
N ILE A 250 11.62 -1.53 -13.77
CA ILE A 250 11.84 -0.34 -12.94
C ILE A 250 13.30 0.11 -12.71
N SER A 251 14.26 -0.79 -12.96
CA SER A 251 15.70 -0.49 -12.69
C SER A 251 16.26 0.61 -13.55
N SER A 252 15.66 0.83 -14.72
CA SER A 252 16.00 2.00 -15.51
C SER A 252 14.75 2.72 -15.96
N ILE A 253 14.77 4.05 -15.79
CA ILE A 253 13.69 4.90 -16.24
C ILE A 253 13.45 4.77 -17.74
N PRO A 254 14.51 4.76 -18.57
CA PRO A 254 14.23 4.57 -20.00
C PRO A 254 13.49 3.26 -20.28
N SER A 255 13.85 2.19 -19.55
CA SER A 255 13.16 0.90 -19.73
C SER A 255 11.72 1.00 -19.22
N PHE A 256 11.58 1.59 -18.04
CA PHE A 256 10.28 1.84 -17.46
C PHE A 256 9.32 2.59 -18.44
N VAL A 257 9.78 3.74 -18.92
CA VAL A 257 9.03 4.51 -19.92
C VAL A 257 8.76 3.72 -21.18
N GLN A 258 9.79 3.09 -21.75
CA GLN A 258 9.60 2.37 -23.03
C GLN A 258 8.62 1.21 -22.86
N LYS A 259 8.74 0.51 -21.76
CA LYS A 259 7.84 -0.61 -21.51
C LYS A 259 6.40 -0.10 -21.36
N SER A 260 6.25 1.01 -20.65
CA SER A 260 4.96 1.64 -20.47
C SER A 260 4.37 2.04 -21.82
N GLN A 261 5.23 2.49 -22.74
CA GLN A 261 4.82 2.79 -24.12
C GLN A 261 4.41 1.53 -24.91
N ASP A 262 5.18 0.45 -24.76
CA ASP A 262 4.82 -0.81 -25.44
C ASP A 262 3.47 -1.32 -24.96
N TRP A 263 3.24 -1.23 -23.64
CA TRP A 263 1.98 -1.67 -23.02
C TRP A 263 0.82 -0.69 -23.23
N GLN A 264 1.09 0.50 -23.74
CA GLN A 264 0.08 1.54 -23.91
C GLN A 264 -0.67 1.84 -22.59
N ILE A 265 0.13 2.05 -21.54
CA ILE A 265 -0.34 2.37 -20.21
C ILE A 265 -0.93 3.75 -20.17
N THR A 266 -2.10 3.88 -19.53
CA THR A 266 -2.76 5.17 -19.42
C THR A 266 -2.62 5.75 -18.03
N VAL A 267 -2.46 4.91 -17.01
CA VAL A 267 -2.36 5.37 -15.63
C VAL A 267 -1.14 4.78 -14.94
N TRP A 268 -0.29 5.67 -14.42
CA TRP A 268 0.83 5.29 -13.55
C TRP A 268 0.48 5.64 -12.10
N SER A 269 0.66 4.67 -11.20
CA SER A 269 0.64 4.94 -9.76
C SER A 269 2.07 4.72 -9.26
N LEU A 270 2.71 5.78 -8.82
CA LEU A 270 4.14 5.73 -8.52
C LEU A 270 4.39 6.24 -7.13
N PRO A 271 5.24 5.54 -6.35
CA PRO A 271 5.79 6.11 -5.12
C PRO A 271 6.44 7.45 -5.43
N THR A 272 6.23 8.45 -4.61
CA THR A 272 6.86 9.75 -4.84
C THR A 272 8.36 9.63 -5.12
N ALA A 273 9.08 8.81 -4.35
CA ALA A 273 10.55 8.71 -4.54
C ALA A 273 10.91 8.13 -5.88
N TYR A 274 10.12 7.19 -6.40
CA TYR A 274 10.37 6.76 -7.76
C TYR A 274 10.07 7.90 -8.74
N TRP A 275 8.96 8.63 -8.52
CA TRP A 275 8.59 9.75 -9.39
C TRP A 275 9.72 10.80 -9.47
N HIS A 276 10.33 11.10 -8.33
CA HIS A 276 11.50 11.97 -8.25
C HIS A 276 12.60 11.52 -9.18
N LEU A 277 12.97 10.24 -9.10
CA LEU A 277 13.88 9.61 -10.06
C LEU A 277 13.45 9.85 -11.47
N LEU A 278 12.17 9.62 -11.73
CA LEU A 278 11.61 9.80 -13.08
C LEU A 278 11.80 11.22 -13.61
N VAL A 279 11.38 12.23 -12.84
CA VAL A 279 11.56 13.62 -13.23
C VAL A 279 13.04 13.96 -13.51
N ASN A 280 13.94 13.56 -12.62
CA ASN A 280 15.37 13.79 -12.89
C ASN A 280 15.84 13.21 -14.22
N GLU A 281 15.52 11.95 -14.46
CA GLU A 281 15.96 11.28 -15.68
C GLU A 281 15.29 11.86 -16.94
N LEU A 282 14.05 12.37 -16.81
CA LEU A 282 13.36 12.99 -17.95
C LEU A 282 14.10 14.22 -18.46
N VAL A 283 14.57 15.06 -17.55
CA VAL A 283 15.29 16.26 -17.94
C VAL A 283 16.74 15.98 -18.33
N LYS A 284 17.44 15.19 -17.51
CA LYS A 284 18.82 14.79 -17.76
C LYS A 284 18.92 14.22 -19.17
N SER A 285 17.95 13.40 -19.55
CA SER A 285 17.88 12.85 -20.89
C SER A 285 16.76 13.57 -21.64
N LYS A 286 16.46 13.14 -22.86
CA LYS A 286 15.37 13.76 -23.62
C LYS A 286 14.32 12.70 -23.89
N ILE A 287 13.74 12.17 -22.80
CA ILE A 287 12.82 11.03 -22.89
C ILE A 287 11.40 11.54 -23.00
N ALA A 288 10.67 11.04 -23.98
CA ALA A 288 9.25 11.36 -24.13
C ALA A 288 8.42 10.38 -23.33
N LEU A 289 7.53 10.91 -22.50
CA LEU A 289 6.55 10.10 -21.80
C LEU A 289 5.73 9.31 -22.78
N PRO A 290 5.26 8.10 -22.37
CA PRO A 290 4.36 7.37 -23.28
C PRO A 290 3.16 8.22 -23.71
N ASP A 291 2.73 8.03 -24.95
CA ASP A 291 1.70 8.87 -25.55
C ASP A 291 0.32 8.43 -25.09
N SER A 292 0.24 7.23 -24.51
CA SER A 292 -0.99 6.72 -23.92
C SER A 292 -1.22 7.28 -22.50
N LEU A 293 -0.18 7.77 -21.84
CA LEU A 293 -0.27 8.10 -20.43
C LEU A 293 -1.09 9.36 -20.17
N ARG A 294 -2.18 9.27 -19.41
CA ARG A 294 -2.98 10.47 -19.12
C ARG A 294 -2.95 10.90 -17.67
N LEU A 295 -2.53 10.02 -16.77
CA LEU A 295 -2.60 10.29 -15.35
C LEU A 295 -1.42 9.62 -14.61
N VAL A 296 -0.79 10.41 -13.76
CA VAL A 296 0.26 9.94 -12.90
C VAL A 296 -0.22 10.26 -11.49
N ILE A 297 -0.31 9.22 -10.67
CA ILE A 297 -0.74 9.35 -9.29
C ILE A 297 0.47 9.11 -8.42
N ILE A 298 0.84 10.09 -7.60
CA ILE A 298 1.98 9.96 -6.70
C ILE A 298 1.58 10.13 -5.25
N GLY A 299 2.37 9.54 -4.36
CA GLY A 299 2.20 9.70 -2.92
C GLY A 299 3.20 8.85 -2.17
N GLY A 300 3.20 8.95 -0.86
CA GLY A 300 4.12 8.17 -0.04
C GLY A 300 4.95 9.08 0.84
N GLU A 301 5.31 10.24 0.32
CA GLU A 301 6.14 11.18 1.08
C GLU A 301 6.12 12.55 0.46
N ARG A 302 6.78 13.49 1.13
CA ARG A 302 6.85 14.87 0.70
C ARG A 302 7.38 15.00 -0.73
N VAL A 303 6.59 15.60 -1.61
CA VAL A 303 7.04 15.82 -2.96
C VAL A 303 7.94 17.07 -2.97
N GLN A 304 9.03 17.00 -3.74
CA GLN A 304 9.99 18.10 -3.81
C GLN A 304 9.47 19.17 -4.75
N PRO A 305 9.20 20.35 -4.21
CA PRO A 305 8.68 21.45 -5.04
C PRO A 305 9.53 21.73 -6.28
N GLU A 306 10.85 21.60 -6.14
CA GLU A 306 11.73 21.85 -7.28
CA GLU A 306 11.76 21.83 -7.25
C GLU A 306 11.49 20.84 -8.38
N LEU A 307 11.25 19.59 -8.02
CA LEU A 307 10.96 18.58 -9.06
C LEU A 307 9.57 18.75 -9.66
N VAL A 308 8.62 19.26 -8.88
CA VAL A 308 7.31 19.64 -9.43
C VAL A 308 7.46 20.77 -10.47
N ARG A 309 8.26 21.78 -10.15
CA ARG A 309 8.58 22.84 -11.14
C ARG A 309 9.22 22.28 -12.40
N MET A 310 10.13 21.33 -12.21
CA MET A 310 10.80 20.69 -13.32
C MET A 310 9.80 19.87 -14.17
N TRP A 311 8.83 19.24 -13.51
CA TRP A 311 7.80 18.50 -14.22
C TRP A 311 6.99 19.40 -15.13
N PHE A 312 6.43 20.43 -14.55
CA PHE A 312 5.59 21.36 -15.29
C PHE A 312 6.33 22.16 -16.36
N LYS A 313 7.62 22.43 -16.15
CA LYS A 313 8.43 23.08 -17.19
C LYS A 313 8.70 22.16 -18.38
N ASN A 314 9.03 20.91 -18.14
CA ASN A 314 9.40 19.99 -19.21
C ASN A 314 8.28 19.13 -19.76
N VAL A 315 7.30 18.80 -18.92
CA VAL A 315 6.18 17.98 -19.38
C VAL A 315 4.95 18.81 -19.63
N GLY A 316 4.64 19.73 -18.73
CA GLY A 316 3.40 20.49 -18.81
C GLY A 316 2.28 19.82 -18.03
N ASN A 317 1.05 20.05 -18.47
CA ASN A 317 -0.13 19.72 -17.71
C ASN A 317 -0.74 18.40 -18.12
N PHE A 318 -0.23 17.80 -19.18
CA PHE A 318 -0.69 16.47 -19.60
C PHE A 318 0.53 15.60 -19.79
N PRO A 319 0.54 14.40 -19.19
CA PRO A 319 -0.52 13.81 -18.37
C PRO A 319 -0.81 14.58 -17.06
N GLU A 320 -2.03 14.47 -16.59
CA GLU A 320 -2.48 14.98 -15.30
C GLU A 320 -1.60 14.41 -14.15
N LEU A 321 -1.19 15.24 -13.20
CA LEU A 321 -0.38 14.80 -12.07
C LEU A 321 -1.13 14.97 -10.77
N ILE A 322 -1.27 13.89 -10.01
CA ILE A 322 -2.00 14.00 -8.77
C ILE A 322 -1.20 13.51 -7.56
N ASN A 323 -1.14 14.38 -6.55
CA ASN A 323 -0.53 14.06 -5.28
C ASN A 323 -1.59 13.53 -4.31
N VAL A 324 -1.39 12.30 -3.87
CA VAL A 324 -2.35 11.58 -3.05
C VAL A 324 -1.73 11.26 -1.68
N TYR A 325 -2.46 11.54 -0.60
CA TYR A 325 -1.95 11.38 0.73
C TYR A 325 -2.88 10.49 1.54
N GLY A 326 -2.27 9.55 2.24
CA GLY A 326 -2.92 8.99 3.42
C GLY A 326 -2.07 7.89 4.02
N PRO A 327 -2.40 7.50 5.26
CA PRO A 327 -1.78 6.37 5.89
C PRO A 327 -2.56 5.08 5.74
N THR A 328 -1.89 3.97 6.00
CA THR A 328 -2.50 2.67 5.92
C THR A 328 -3.76 2.57 6.77
N GLU A 329 -3.72 3.20 7.93
CA GLU A 329 -4.81 3.22 8.90
C GLU A 329 -6.07 3.97 8.48
N GLY A 330 -5.98 4.80 7.44
CA GLY A 330 -7.15 5.44 6.83
C GLY A 330 -7.45 4.90 5.43
N THR A 331 -7.21 3.60 5.26
CA THR A 331 -7.52 2.88 4.03
C THR A 331 -6.94 3.57 2.79
N ILE A 332 -5.61 3.57 2.71
CA ILE A 332 -4.85 3.89 1.49
C ILE A 332 -4.66 5.40 1.33
N ALA A 333 -5.73 6.15 1.06
CA ALA A 333 -5.60 7.60 0.94
C ALA A 333 -6.87 8.27 1.38
N VAL A 334 -6.71 9.50 1.87
CA VAL A 334 -7.82 10.31 2.33
C VAL A 334 -7.84 11.66 1.65
N SER A 335 -6.77 12.07 1.00
CA SER A 335 -6.74 13.37 0.37
CA SER A 335 -6.64 13.41 0.43
C SER A 335 -5.93 13.35 -0.90
N LEU A 336 -6.26 14.28 -1.78
CA LEU A 336 -5.56 14.44 -3.04
C LEU A 336 -5.59 15.89 -3.52
N CYS A 337 -4.56 16.22 -4.28
CA CYS A 337 -4.41 17.52 -4.88
C CYS A 337 -3.99 17.29 -6.30
N ARG A 338 -4.75 17.89 -7.20
CA ARG A 338 -4.47 17.88 -8.63
C ARG A 338 -3.42 18.93 -8.93
N LEU A 339 -2.17 18.48 -9.01
CA LEU A 339 -1.04 19.40 -9.12
C LEU A 339 -1.08 20.14 -10.44
N SER A 340 -1.54 19.48 -11.50
CA SER A 340 -1.66 20.08 -12.83
C SER A 340 -2.71 21.19 -12.91
N GLN A 341 -3.58 21.27 -11.89
CA GLN A 341 -4.62 22.27 -11.82
C GLN A 341 -4.24 23.44 -10.90
N LEU A 342 -3.11 23.34 -10.20
CA LEU A 342 -2.61 24.44 -9.39
C LEU A 342 -2.12 25.63 -10.23
N THR A 343 -2.30 26.82 -9.69
CA THR A 343 -1.70 28.00 -10.30
C THR A 343 -0.22 27.97 -10.08
N GLU A 344 0.47 28.76 -10.88
CA GLU A 344 1.91 28.87 -10.79
CA GLU A 344 1.92 28.85 -10.77
C GLU A 344 2.32 29.25 -9.36
N SER A 345 1.65 30.23 -8.78
CA SER A 345 2.04 30.68 -7.44
C SER A 345 1.66 29.70 -6.33
N GLN A 346 0.61 28.89 -6.53
CA GLN A 346 0.33 27.79 -5.61
C GLN A 346 1.40 26.68 -5.61
N ARG A 347 2.14 26.57 -6.72
CA ARG A 347 3.24 25.62 -6.86
C ARG A 347 4.55 26.20 -6.36
N ASN A 348 4.47 27.41 -5.83
CA ASN A 348 5.64 28.24 -5.58
C ASN A 348 5.81 28.48 -4.09
N ARG A 349 5.25 27.58 -3.29
CA ARG A 349 5.42 27.63 -1.84
C ARG A 349 6.49 26.62 -1.42
N THR A 350 6.78 26.63 -0.13
CA THR A 350 7.81 25.75 0.43
C THR A 350 7.37 24.30 0.37
N GLU A 351 6.04 24.12 0.29
CA GLU A 351 5.43 22.81 0.32
C GLU A 351 4.36 22.72 -0.75
N ILE A 352 4.30 21.57 -1.42
CA ILE A 352 3.25 21.29 -2.41
C ILE A 352 2.08 20.68 -1.64
N PRO A 353 0.86 21.20 -1.85
CA PRO A 353 -0.25 20.69 -1.04
C PRO A 353 -0.57 19.21 -1.27
N ILE A 354 -1.16 18.59 -0.25
CA ILE A 354 -1.76 17.25 -0.38
C ILE A 354 -3.29 17.36 -0.58
N GLY A 355 -3.83 18.56 -0.46
CA GLY A 355 -5.15 18.86 -1.04
C GLY A 355 -6.33 18.68 -0.11
N LYS A 356 -7.42 18.11 -0.64
CA LYS A 356 -8.68 17.96 0.09
C LYS A 356 -9.18 16.52 0.20
N SER A 357 -10.07 16.29 1.16
CA SER A 357 -10.69 14.96 1.30
C SER A 357 -11.13 14.34 -0.04
N LEU A 358 -10.78 13.06 -0.17
CA LEU A 358 -11.21 12.21 -1.26
C LEU A 358 -12.73 12.20 -1.38
N GLY A 359 -13.43 12.31 -0.27
CA GLY A 359 -14.89 12.31 -0.29
C GLY A 359 -15.53 12.81 0.98
N GLU A 360 -16.83 13.03 0.92
CA GLU A 360 -17.58 13.67 2.00
C GLU A 360 -17.65 12.84 3.30
N ASN A 361 -17.65 11.51 3.18
CA ASN A 361 -17.66 10.67 4.37
C ASN A 361 -16.27 10.41 4.94
N ILE A 362 -15.28 11.12 4.42
CA ILE A 362 -13.93 11.12 4.98
C ILE A 362 -13.57 12.51 5.45
N SER A 363 -13.24 12.62 6.72
CA SER A 363 -12.90 13.86 7.31
C SER A 363 -11.40 13.88 7.57
N VAL A 364 -10.76 14.93 7.11
CA VAL A 364 -9.34 15.14 7.36
C VAL A 364 -9.18 16.42 8.17
N TYR A 365 -8.95 16.28 9.47
CA TYR A 365 -8.88 17.42 10.36
C TYR A 365 -7.44 17.80 10.67
N VAL A 366 -7.21 19.08 10.87
CA VAL A 366 -6.03 19.54 11.58
C VAL A 366 -6.52 20.00 12.94
N LEU A 367 -6.06 19.32 13.99
CA LEU A 367 -6.54 19.54 15.34
C LEU A 367 -5.40 19.93 16.28
N ASP A 368 -5.72 20.69 17.31
CA ASP A 368 -4.73 21.03 18.33
C ASP A 368 -4.65 19.87 19.33
N GLU A 369 -3.85 20.03 20.39
CA GLU A 369 -3.59 18.92 21.29
C GLU A 369 -4.76 18.59 22.24
N THR A 370 -5.82 19.39 22.24
CA THR A 370 -7.08 18.97 22.85
C THR A 370 -8.14 18.63 21.79
N LEU A 371 -7.69 18.27 20.59
CA LEU A 371 -8.58 17.80 19.53
C LEU A 371 -9.65 18.81 19.08
N LYS A 372 -9.29 20.08 19.14
CA LYS A 372 -10.15 21.14 18.64
C LYS A 372 -9.61 21.56 17.31
N THR A 373 -10.49 21.83 16.37
CA THR A 373 -10.11 22.48 15.12
C THR A 373 -9.50 23.86 15.36
N VAL A 374 -8.72 24.31 14.40
CA VAL A 374 -7.97 25.55 14.54
C VAL A 374 -8.34 26.49 13.42
N PRO A 375 -8.14 27.81 13.62
CA PRO A 375 -8.46 28.68 12.48
C PRO A 375 -7.59 28.29 11.29
N PRO A 376 -8.05 28.60 10.07
CA PRO A 376 -7.22 28.31 8.91
C PRO A 376 -5.81 28.86 9.03
N GLU A 377 -4.86 28.13 8.45
CA GLU A 377 -3.45 28.51 8.36
C GLU A 377 -2.65 28.26 9.64
N THR A 378 -3.32 27.81 10.70
CA THR A 378 -2.65 27.39 11.94
C THR A 378 -2.29 25.90 11.80
N PRO A 379 -1.03 25.53 12.13
CA PRO A 379 -0.66 24.13 12.08
C PRO A 379 -1.19 23.39 13.26
N GLY A 380 -1.21 22.08 13.12
CA GLY A 380 -1.70 21.16 14.14
C GLY A 380 -1.42 19.77 13.62
N GLU A 381 -2.02 18.78 14.27
CA GLU A 381 -1.81 17.41 13.86
C GLU A 381 -3.00 16.91 13.03
N ILE A 382 -2.68 16.19 11.97
CA ILE A 382 -3.71 15.61 11.11
C ILE A 382 -4.35 14.38 11.77
N TYR A 383 -5.67 14.42 11.87
CA TYR A 383 -6.49 13.33 12.35
C TYR A 383 -7.51 13.00 11.28
N ILE A 384 -7.80 11.71 11.12
CA ILE A 384 -8.74 11.25 10.12
C ILE A 384 -9.98 10.72 10.81
N GLY A 385 -11.17 11.04 10.27
CA GLY A 385 -12.44 10.55 10.78
C GLY A 385 -13.30 9.93 9.69
N GLY A 386 -14.33 9.21 10.10
CA GLY A 386 -15.34 8.75 9.17
C GLY A 386 -15.00 7.45 8.49
N THR A 387 -15.49 7.27 7.27
CA THR A 387 -15.55 5.95 6.66
C THR A 387 -14.20 5.34 6.36
N ALA A 388 -13.18 6.17 6.22
CA ALA A 388 -11.83 5.71 5.94
C ALA A 388 -11.14 4.82 6.97
N LEU A 389 -11.60 4.82 8.23
CA LEU A 389 -10.77 4.23 9.30
C LEU A 389 -10.66 2.71 9.27
N ALA A 390 -9.44 2.23 9.50
CA ALA A 390 -9.19 0.84 9.91
C ALA A 390 -10.03 0.51 11.13
N ARG A 391 -10.30 -0.79 11.33
CA ARG A 391 -10.88 -1.28 12.56
C ARG A 391 -9.92 -1.02 13.71
N GLY A 392 -8.62 -1.13 13.44
CA GLY A 392 -7.60 -1.09 14.50
C GLY A 392 -6.35 -1.85 14.13
N TYR A 393 -5.44 -1.99 15.09
CA TYR A 393 -4.28 -2.86 14.91
C TYR A 393 -4.63 -4.24 15.44
N LEU A 394 -4.04 -5.26 14.83
CA LEU A 394 -4.30 -6.62 15.25
C LEU A 394 -3.48 -6.92 16.49
N ASN A 395 -4.15 -7.33 17.56
CA ASN A 395 -3.50 -7.73 18.83
C ASN A 395 -2.53 -6.70 19.38
N ARG A 396 -2.92 -5.42 19.29
CA ARG A 396 -2.16 -4.34 19.88
C ARG A 396 -3.16 -3.37 20.56
N PRO A 397 -3.90 -3.86 21.57
CA PRO A 397 -4.94 -3.05 22.24
C PRO A 397 -4.46 -1.66 22.76
N GLU A 398 -3.27 -1.57 23.34
CA GLU A 398 -2.74 -0.28 23.80
C GLU A 398 -2.49 0.62 22.61
N LEU A 399 -1.81 0.09 21.60
CA LEU A 399 -1.49 0.89 20.41
C LEU A 399 -2.76 1.36 19.71
N THR A 400 -3.72 0.47 19.57
CA THR A 400 -5.04 0.80 19.00
C THR A 400 -5.70 1.94 19.77
N ALA A 401 -5.85 1.77 21.08
CA ALA A 401 -6.56 2.76 21.93
C ALA A 401 -5.90 4.11 21.91
N GLN A 402 -4.61 4.11 21.71
CA GLN A 402 -3.83 5.31 21.58
C GLN A 402 -3.92 6.02 20.22
N LYS A 403 -4.07 5.28 19.11
CA LYS A 403 -4.10 5.91 17.78
CA LYS A 403 -4.10 5.88 17.77
C LYS A 403 -5.52 6.05 17.25
N PHE A 404 -6.41 5.16 17.67
CA PHE A 404 -7.81 5.20 17.27
C PHE A 404 -8.65 5.66 18.47
N ILE A 405 -8.87 6.95 18.50
CA ILE A 405 -9.45 7.68 19.62
C ILE A 405 -10.94 7.90 19.42
N GLN A 406 -11.72 7.82 20.49
CA GLN A 406 -13.12 8.20 20.40
C GLN A 406 -13.21 9.72 20.21
N ASP A 407 -13.99 10.14 19.23
CA ASP A 407 -14.15 11.56 18.92
C ASP A 407 -14.93 12.18 20.07
N PRO A 408 -14.28 13.07 20.84
CA PRO A 408 -14.93 13.62 22.04
C PRO A 408 -16.11 14.59 21.76
N PHE A 409 -16.25 15.05 20.52
CA PHE A 409 -17.40 15.87 20.12
C PHE A 409 -18.39 15.14 19.20
N SER A 410 -18.11 13.88 18.88
CA SER A 410 -19.03 13.06 18.09
C SER A 410 -18.91 11.61 18.55
N PRO A 411 -19.54 11.31 19.71
CA PRO A 411 -19.28 10.11 20.52
C PRO A 411 -19.31 8.76 19.79
N SER A 412 -20.15 8.63 18.78
CA SER A 412 -20.27 7.36 18.06
C SER A 412 -19.18 7.19 16.98
N GLU A 413 -18.23 8.12 16.90
CA GLU A 413 -17.20 8.11 15.85
C GLU A 413 -15.79 8.10 16.42
N ARG A 414 -14.85 7.71 15.55
CA ARG A 414 -13.44 7.66 15.91
C ARG A 414 -12.59 8.62 15.10
N LEU A 415 -11.39 8.84 15.59
CA LEU A 415 -10.42 9.66 14.93
C LEU A 415 -9.12 8.89 14.97
N TYR A 416 -8.48 8.75 13.83
CA TYR A 416 -7.14 8.23 13.82
C TYR A 416 -6.11 9.37 13.89
N LYS A 417 -5.17 9.23 14.83
CA LYS A 417 -4.07 10.15 15.00
C LYS A 417 -2.91 9.74 14.10
N THR A 418 -2.61 10.55 13.09
CA THR A 418 -1.67 10.19 12.04
C THR A 418 -0.20 10.31 12.44
N GLY A 419 0.13 11.20 13.38
CA GLY A 419 1.53 11.59 13.58
C GLY A 419 2.02 12.56 12.52
N ASP A 420 1.13 12.99 11.61
CA ASP A 420 1.50 13.96 10.58
C ASP A 420 1.08 15.37 11.00
N LEU A 421 1.96 16.31 10.78
CA LEU A 421 1.69 17.69 11.09
C LEU A 421 1.18 18.29 9.80
N GLY A 422 0.20 19.16 9.91
CA GLY A 422 -0.27 19.82 8.71
C GLY A 422 -1.03 21.06 9.02
N ARG A 423 -1.42 21.75 7.96
CA ARG A 423 -2.28 22.91 8.11
C ARG A 423 -3.08 23.15 6.87
N TYR A 424 -4.29 23.66 7.08
CA TYR A 424 -5.14 24.10 6.00
C TYR A 424 -4.81 25.55 5.59
N LEU A 425 -4.55 25.75 4.31
CA LEU A 425 -4.36 27.09 3.75
C LEU A 425 -5.72 27.78 3.54
N ALA A 426 -5.70 29.07 3.26
CA ALA A 426 -6.92 29.86 3.13
C ALA A 426 -7.69 29.47 1.88
N ASP A 427 -6.97 28.99 0.86
CA ASP A 427 -7.63 28.44 -0.33
C ASP A 427 -8.29 27.07 -0.10
N GLY A 428 -8.18 26.53 1.12
CA GLY A 428 -8.85 25.28 1.49
C GLY A 428 -7.98 24.03 1.36
N ASN A 429 -6.80 24.14 0.76
CA ASN A 429 -5.90 23.00 0.55
C ASN A 429 -5.06 22.69 1.79
N LEU A 430 -4.84 21.39 2.02
CA LEU A 430 -4.08 20.93 3.15
C LEU A 430 -2.60 20.86 2.77
N GLU A 431 -1.76 21.29 3.70
CA GLU A 431 -0.31 21.17 3.59
C GLU A 431 0.16 20.13 4.59
N TYR A 432 1.00 19.23 4.12
CA TYR A 432 1.78 18.34 4.96
C TYR A 432 2.98 19.11 5.49
N LEU A 433 3.19 19.07 6.81
CA LEU A 433 4.30 19.77 7.46
C LEU A 433 5.27 18.85 8.24
N GLY A 434 5.26 17.55 8.00
CA GLY A 434 6.22 16.64 8.65
C GLY A 434 5.65 15.84 9.81
N ARG A 435 6.53 15.13 10.51
CA ARG A 435 6.16 14.16 11.54
C ARG A 435 6.39 14.69 12.95
N VAL A 436 5.65 14.16 13.93
CA VAL A 436 5.87 14.47 15.36
C VAL A 436 6.79 13.46 16.04
N ASP A 437 7.40 12.57 15.25
CA ASP A 437 8.02 11.33 15.77
C ASP A 437 9.08 10.79 14.83
N HIS A 438 9.46 9.53 15.03
CA HIS A 438 10.62 8.98 14.33
C HIS A 438 10.27 8.04 13.19
N GLN A 439 9.06 8.18 12.65
CA GLN A 439 8.68 7.41 11.49
C GLN A 439 9.18 8.14 10.26
N VAL A 440 9.75 7.39 9.34
CA VAL A 440 10.29 7.97 8.13
C VAL A 440 9.92 7.11 6.92
N LYS A 441 10.43 7.52 5.76
CA LYS A 441 10.29 6.80 4.51
C LYS A 441 11.66 6.53 3.90
N ILE A 442 12.00 5.25 3.72
CA ILE A 442 13.21 4.83 3.06
C ILE A 442 12.81 4.04 1.81
N ASN A 443 13.36 4.42 0.67
CA ASN A 443 12.97 3.86 -0.64
C ASN A 443 11.44 3.86 -0.83
N GLY A 444 10.75 4.86 -0.31
CA GLY A 444 9.29 4.90 -0.38
C GLY A 444 8.49 4.09 0.65
N PHE A 445 9.19 3.32 1.49
CA PHE A 445 8.55 2.41 2.46
C PHE A 445 8.55 2.95 3.90
N ARG A 446 7.45 2.73 4.60
CA ARG A 446 7.30 3.22 5.97
C ARG A 446 8.23 2.48 6.95
N VAL A 447 9.06 3.24 7.65
CA VAL A 447 10.03 2.72 8.62
C VAL A 447 9.91 3.48 9.97
N GLU A 448 9.70 2.72 11.04
CA GLU A 448 9.84 3.27 12.39
C GLU A 448 11.28 3.09 12.75
N LEU A 449 11.98 4.19 13.01
CA LEU A 449 13.40 4.15 13.37
C LEU A 449 13.62 3.36 14.65
N GLY A 450 12.69 3.48 15.58
CA GLY A 450 12.69 2.71 16.82
C GLY A 450 12.65 1.21 16.62
N GLU A 451 12.13 0.74 15.47
CA GLU A 451 12.11 -0.70 15.17
C GLU A 451 13.53 -1.20 14.97
N ILE A 452 14.25 -0.49 14.13
CA ILE A 452 15.64 -0.82 13.84
C ILE A 452 16.45 -0.70 15.13
N GLU A 453 16.30 0.43 15.82
CA GLU A 453 17.02 0.68 17.06
C GLU A 453 16.74 -0.41 18.10
N THR A 454 15.47 -0.69 18.35
CA THR A 454 15.06 -1.78 19.25
C THR A 454 15.71 -3.13 18.88
N VAL A 455 15.76 -3.44 17.58
CA VAL A 455 16.30 -4.71 17.12
C VAL A 455 17.83 -4.75 17.25
N LEU A 456 18.50 -3.68 16.83
CA LEU A 456 19.97 -3.58 16.98
C LEU A 456 20.46 -3.80 18.42
N LEU A 457 19.71 -3.25 19.39
CA LEU A 457 19.99 -3.36 20.83
C LEU A 457 19.99 -4.81 21.33
N GLN A 458 19.19 -5.65 20.69
CA GLN A 458 19.14 -7.08 21.03
C GLN A 458 20.45 -7.80 20.75
N HIS A 459 21.25 -7.31 19.83
CA HIS A 459 22.54 -7.94 19.55
C HIS A 459 23.48 -7.79 20.74
N HIS A 460 24.21 -8.86 21.04
CA HIS A 460 25.05 -8.94 22.26
C HIS A 460 26.11 -7.84 22.31
N GLN A 461 26.77 -7.56 21.19
CA GLN A 461 27.75 -6.47 21.13
C GLN A 461 27.19 -5.15 20.58
N VAL A 462 25.98 -4.80 21.04
CA VAL A 462 25.41 -3.45 20.85
C VAL A 462 24.83 -3.00 22.21
N ALA A 463 25.25 -1.81 22.62
CA ALA A 463 24.99 -1.27 23.96
C ALA A 463 23.95 -0.14 23.93
N GLN A 464 24.17 0.81 23.04
CA GLN A 464 23.19 1.85 22.73
C GLN A 464 23.22 2.09 21.23
N ALA A 465 22.09 2.52 20.68
CA ALA A 465 22.00 2.75 19.24
C ALA A 465 21.02 3.88 18.91
N VAL A 466 21.43 4.73 17.98
CA VAL A 466 20.50 5.65 17.36
C VAL A 466 20.64 5.49 15.86
N VAL A 467 19.49 5.29 15.21
CA VAL A 467 19.39 5.23 13.76
C VAL A 467 18.63 6.49 13.36
N ILE A 468 19.11 7.14 12.32
CA ILE A 468 18.46 8.34 11.83
C ILE A 468 18.58 8.42 10.31
N ASP A 469 17.76 9.30 9.75
CA ASP A 469 17.77 9.71 8.35
C ASP A 469 18.51 11.05 8.34
N ARG A 470 19.20 11.46 7.25
CA ARG A 470 19.21 10.85 5.92
C ARG A 470 20.64 10.60 5.46
N ARG A 478 20.66 6.81 2.96
CA ARG A 478 19.56 7.36 3.74
C ARG A 478 19.62 6.95 5.21
N LEU A 479 19.62 5.65 5.50
CA LEU A 479 19.75 5.20 6.88
C LEU A 479 21.22 5.07 7.28
N VAL A 480 21.54 5.68 8.42
CA VAL A 480 22.84 5.61 9.04
C VAL A 480 22.63 5.24 10.50
N ALA A 481 23.32 4.20 10.96
CA ALA A 481 23.18 3.73 12.34
C ALA A 481 24.37 4.17 13.17
N TYR A 482 24.08 4.87 14.25
CA TYR A 482 25.09 5.39 15.15
C TYR A 482 25.02 4.51 16.38
N LEU A 483 26.11 3.80 16.69
CA LEU A 483 26.13 2.96 17.89
C LEU A 483 27.46 3.03 18.66
N VAL A 484 27.38 2.84 19.98
CA VAL A 484 28.56 2.58 20.82
C VAL A 484 28.68 1.06 21.04
N PRO A 485 29.73 0.43 20.46
CA PRO A 485 29.84 -1.03 20.55
C PRO A 485 30.14 -1.54 21.96
N HIS A 486 29.88 -2.83 22.20
CA HIS A 486 30.11 -3.45 23.52
C HIS A 486 31.52 -4.02 23.60
N SER A 487 31.89 -4.86 22.63
CA SER A 487 33.26 -5.40 22.56
C SER A 487 33.64 -5.53 21.10
N THR A 488 33.90 -4.39 20.48
CA THR A 488 33.96 -4.28 19.03
C THR A 488 35.09 -5.06 18.37
N GLU A 489 34.80 -5.56 17.18
CA GLU A 489 35.82 -5.91 16.21
C GLU A 489 35.72 -4.82 15.15
N GLU A 490 36.47 -4.96 14.06
CA GLU A 490 36.42 -3.99 12.96
C GLU A 490 35.45 -4.41 11.84
N ASN A 491 35.00 -5.67 11.86
CA ASN A 491 33.91 -6.13 11.00
C ASN A 491 32.53 -6.11 11.69
N LEU A 492 32.32 -5.10 12.52
CA LEU A 492 31.05 -4.95 13.23
C LEU A 492 29.95 -4.52 12.26
N THR A 493 30.27 -3.59 11.36
CA THR A 493 29.39 -3.21 10.27
C THR A 493 28.83 -4.45 9.54
N VAL A 494 29.70 -5.26 8.97
CA VAL A 494 29.28 -6.46 8.25
C VAL A 494 28.55 -7.49 9.15
N THR A 495 28.89 -7.53 10.43
CA THR A 495 28.23 -8.44 11.36
C THR A 495 26.78 -8.02 11.58
N LEU A 496 26.55 -6.72 11.77
CA LEU A 496 25.20 -6.23 12.08
C LEU A 496 24.30 -6.26 10.84
N GLN A 497 24.90 -6.06 9.68
CA GLN A 497 24.17 -6.19 8.43
C GLN A 497 23.63 -7.60 8.21
N GLN A 498 24.43 -8.62 8.53
CA GLN A 498 23.94 -10.02 8.52
C GLN A 498 22.85 -10.29 9.57
N PHE A 499 23.06 -9.78 10.77
CA PHE A 499 22.10 -9.89 11.85
C PHE A 499 20.76 -9.26 11.48
N LEU A 500 20.78 -8.10 10.85
CA LEU A 500 19.55 -7.40 10.50
C LEU A 500 18.95 -8.00 9.22
N LYS A 501 19.83 -8.42 8.31
CA LYS A 501 19.42 -9.10 7.09
C LYS A 501 18.41 -10.25 7.36
N ASN A 502 18.62 -11.00 8.43
CA ASN A 502 17.75 -12.13 8.79
C ASN A 502 16.59 -11.77 9.69
N LYS A 503 16.40 -10.49 10.00
CA LYS A 503 15.25 -10.05 10.80
C LYS A 503 14.36 -9.02 10.14
N LEU A 504 14.95 -8.08 9.40
CA LEU A 504 14.23 -6.91 8.90
C LEU A 504 14.20 -6.90 7.38
N PRO A 505 13.24 -6.17 6.78
CA PRO A 505 13.31 -6.02 5.33
C PRO A 505 14.50 -5.16 4.95
N SER A 506 15.00 -5.34 3.75
CA SER A 506 16.26 -4.72 3.31
C SER A 506 16.27 -3.21 3.49
N TYR A 507 15.17 -2.55 3.14
CA TYR A 507 15.05 -1.09 3.24
C TYR A 507 15.17 -0.56 4.69
N MET A 508 15.05 -1.46 5.67
CA MET A 508 15.27 -1.11 7.07
C MET A 508 16.73 -1.31 7.52
N ILE A 509 17.58 -1.82 6.63
CA ILE A 509 18.96 -2.10 7.01
C ILE A 509 19.78 -0.83 6.79
N PRO A 510 20.40 -0.31 7.87
CA PRO A 510 21.21 0.87 7.69
C PRO A 510 22.30 0.65 6.65
N ALA A 511 22.35 1.55 5.67
CA ALA A 511 23.30 1.46 4.57
C ALA A 511 24.73 1.75 4.99
N THR A 512 24.92 2.52 6.07
CA THR A 512 26.23 2.69 6.69
C THR A 512 26.11 2.73 8.20
N PHE A 513 27.21 2.36 8.87
CA PHE A 513 27.31 2.33 10.32
C PHE A 513 28.47 3.21 10.78
N VAL A 514 28.41 3.63 12.04
CA VAL A 514 29.40 4.53 12.63
C VAL A 514 29.40 4.26 14.12
PG ANP B . 4.01 0.20 5.44
PG ANP B . 2.44 2.54 0.32
O1G ANP B . 5.21 -0.19 6.30
O1G ANP B . 1.02 2.04 0.24
O2G ANP B . 3.34 -0.98 4.80
O2G ANP B . 3.40 1.81 -0.60
O3G ANP B . 2.98 1.08 6.11
O3G ANP B . 2.69 4.03 0.31
PB ANP B . 3.69 2.51 3.43
PB ANP B . 3.55 3.32 2.97
O1B ANP B . 4.52 3.36 2.47
O1B ANP B . 4.99 2.94 3.26
O2B ANP B . 2.44 1.86 2.87
O2B ANP B . 3.27 4.62 2.27
N3B ANP B . 4.63 1.20 4.11
N3B ANP B . 2.86 2.08 1.96
PA ANP B . 1.90 4.39 4.64
PA ANP B . 1.61 4.40 4.69
O1A ANP B . 1.29 4.37 3.25
O1A ANP B . 0.86 4.58 3.39
O2A ANP B . 1.04 4.07 5.83
O2A ANP B . 0.87 4.00 5.94
O3A ANP B . 3.24 3.49 4.64
O3A ANP B . 2.79 3.35 4.40
O5' ANP B . 2.56 5.84 4.92
O5' ANP B . 2.44 5.74 5.04
C5' ANP B . 1.71 6.90 5.36
C5' ANP B . 1.69 6.89 5.46
C4' ANP B . 2.52 8.15 5.71
C4' ANP B . 2.64 8.06 5.70
O4' ANP B . 3.32 8.59 4.60
O4' ANP B . 3.35 8.39 4.51
C3' ANP B . 1.66 9.34 6.10
C3' ANP B . 1.91 9.33 6.11
O3' ANP B . 1.24 9.31 7.46
O3' ANP B . 1.65 9.38 7.51
C2' ANP B . 2.59 10.49 5.80
C2' ANP B . 2.88 10.40 5.66
O2' ANP B . 3.55 10.64 6.84
O2' ANP B . 3.87 10.62 6.66
C1' ANP B . 3.31 10.02 4.56
C1' ANP B . 3.54 9.80 4.44
N9 ANP B . 2.64 10.40 3.30
N9 ANP B . 2.91 10.24 3.19
C8 ANP B . 1.76 9.66 2.59
C8 ANP B . 2.22 9.43 2.35
N7 ANP B . 1.39 10.30 1.45
N7 ANP B . 1.77 10.11 1.27
C5 ANP B . 2.04 11.47 1.44
C5 ANP B . 2.16 11.39 1.43
C6 ANP B . 2.13 12.64 0.54
C6 ANP B . 2.02 12.63 0.65
N6 ANP B . 1.40 12.69 -0.61
N6 ANP B . 1.35 12.65 -0.52
N1 ANP B . 2.95 13.64 0.89
N1 ANP B . 2.59 13.73 1.17
C2 ANP B . 3.68 13.63 2.02
C2 ANP B . 3.26 13.75 2.33
N3 ANP B . 3.65 12.60 2.89
N3 ANP B . 3.44 12.66 3.09
C4 ANP B . 2.88 11.52 2.64
C4 ANP B . 2.92 11.47 2.69
C1 GOL C . 1.17 6.20 0.31
O1 GOL C . 1.52 6.37 1.68
C2 GOL C . 0.15 7.21 -0.13
O2 GOL C . -1.07 6.93 0.54
C3 GOL C . -0.01 7.08 -1.65
O3 GOL C . -1.23 7.70 -2.05
C1 GOL D . -15.18 17.27 14.83
O1 GOL D . -16.03 16.12 15.02
C2 GOL D . -13.86 17.01 15.54
O2 GOL D . -14.12 16.12 16.64
C3 GOL D . -13.23 18.30 16.06
O3 GOL D . -12.25 17.96 17.06
MG MG E . -1.29 4.35 2.62
#